data_8TFI
#
_entry.id   8TFI
#
_cell.length_a   38.464
_cell.length_b   44.807
_cell.length_c   124.736
_cell.angle_alpha   90.000
_cell.angle_beta   90.000
_cell.angle_gamma   90.000
#
_symmetry.space_group_name_H-M   'P 21 21 21'
#
loop_
_entity.id
_entity.type
_entity.pdbx_description
1 polymer "Probable RNA 2'-phosphotransferase"
2 non-polymer 'CHLORIDE ION'
3 water water
#
_entity_poly.entity_id   1
_entity_poly.type   'polypeptide(L)'
_entity_poly.pdbx_seq_one_letter_code
;SRFKVSKLMAYILRHSPWEFGLEPDEEGFVSIEELVNAVRKVYPWVTEEYIREIVERDEKGRYEIRGNKIRARYGHSYPV
ILRHEEDKESKVLYHGTVRRNLKGIMREGIKPMKRQYVHLSINYEDAYNTGMRHGEDVVVLIIDAECLRNKGYKILKAGK
KVRIVKHVPVDCISGIL
;
_entity_poly.pdbx_strand_id   A
#
# COMPACT_ATOMS: atom_id res chain seq x y z
N SER A 1 -4.34 20.43 10.00
CA SER A 1 -4.23 19.29 10.89
C SER A 1 -3.37 18.25 10.22
N ARG A 2 -2.82 17.31 10.99
CA ARG A 2 -2.01 16.27 10.38
C ARG A 2 -2.85 15.42 9.43
N PHE A 3 -4.13 15.23 9.78
CA PHE A 3 -5.01 14.43 8.92
C PHE A 3 -5.15 15.07 7.53
N LYS A 4 -5.46 16.37 7.49
CA LYS A 4 -5.66 17.04 6.20
C LYS A 4 -4.38 17.06 5.37
N VAL A 5 -3.24 17.38 6.02
CA VAL A 5 -1.99 17.48 5.30
C VAL A 5 -1.55 16.11 4.82
N SER A 6 -1.71 15.07 5.65
CA SER A 6 -1.38 13.72 5.22
C SER A 6 -2.28 13.26 4.09
N LYS A 7 -3.56 13.60 4.13
CA LYS A 7 -4.44 13.24 3.02
C LYS A 7 -3.92 13.85 1.72
N LEU A 8 -3.45 15.11 1.79
CA LEU A 8 -2.91 15.76 0.60
C LEU A 8 -1.59 15.13 0.16
N MET A 9 -0.67 14.84 1.10
CA MET A 9 0.55 14.15 0.70
C MET A 9 0.26 12.79 0.07
N ALA A 10 -0.71 12.06 0.61
CA ALA A 10 -1.05 10.77 0.01
C ALA A 10 -1.49 10.96 -1.43
N TYR A 11 -2.35 11.96 -1.66
CA TYR A 11 -2.81 12.20 -3.02
C TYR A 11 -1.66 12.58 -3.95
N ILE A 12 -0.75 13.43 -3.48
CA ILE A 12 0.36 13.86 -4.32
C ILE A 12 1.29 12.69 -4.63
N LEU A 13 1.67 11.92 -3.60
CA LEU A 13 2.69 10.89 -3.77
C LEU A 13 2.17 9.62 -4.44
N ARG A 14 0.89 9.29 -4.28
CA ARG A 14 0.34 8.09 -4.92
C ARG A 14 -0.31 8.37 -6.26
N HIS A 15 -0.81 9.58 -6.49
CA HIS A 15 -1.74 9.66 -7.61
C HIS A 15 -1.46 10.78 -8.59
N SER A 16 -1.09 11.97 -8.13
CA SER A 16 -1.02 13.15 -9.02
C SER A 16 0.20 14.02 -8.71
N PRO A 17 1.41 13.44 -8.73
CA PRO A 17 2.60 14.28 -8.46
C PRO A 17 2.87 15.30 -9.55
N TRP A 18 2.57 14.97 -10.80
CA TRP A 18 2.92 15.87 -11.90
C TRP A 18 2.06 17.12 -11.89
N GLU A 19 0.83 17.02 -11.38
CA GLU A 19 -0.03 18.18 -11.18
C GLU A 19 0.62 19.21 -10.27
N PHE A 20 1.52 18.77 -9.39
CA PHE A 20 2.21 19.65 -8.46
C PHE A 20 3.65 19.95 -8.87
N GLY A 21 4.01 19.65 -10.12
CA GLY A 21 5.36 19.91 -10.58
C GLY A 21 6.40 18.95 -10.06
N LEU A 22 6.00 17.81 -9.52
CA LEU A 22 6.94 16.81 -9.01
C LEU A 22 7.10 15.70 -10.03
N GLU A 23 8.31 15.16 -10.10
CA GLU A 23 8.59 14.02 -10.99
C GLU A 23 9.18 12.89 -10.17
N PRO A 24 8.37 11.91 -9.80
CA PRO A 24 8.88 10.78 -9.00
C PRO A 24 9.90 9.98 -9.78
N ASP A 25 10.82 9.37 -9.05
CA ASP A 25 11.76 8.46 -9.68
C ASP A 25 11.10 7.08 -9.78
N GLU A 26 11.85 6.10 -10.27
CA GLU A 26 11.28 4.78 -10.56
C GLU A 26 10.71 4.12 -9.32
N GLU A 27 11.15 4.53 -8.13
CA GLU A 27 10.76 3.92 -6.88
C GLU A 27 9.69 4.73 -6.17
N GLY A 28 9.18 5.77 -6.82
CA GLY A 28 8.13 6.60 -6.26
C GLY A 28 8.63 7.76 -5.42
N PHE A 29 9.93 8.03 -5.40
CA PHE A 29 10.48 9.07 -4.53
C PHE A 29 10.46 10.44 -5.20
N VAL A 30 10.11 11.48 -4.43
CA VAL A 30 10.25 12.87 -4.85
C VAL A 30 11.13 13.59 -3.82
N SER A 31 11.62 14.76 -4.22
CA SER A 31 12.32 15.63 -3.26
C SER A 31 11.37 16.10 -2.16
N ILE A 32 11.77 15.91 -0.90
CA ILE A 32 10.91 16.37 0.19
C ILE A 32 10.83 17.90 0.21
N GLU A 33 11.88 18.57 -0.24
CA GLU A 33 11.89 20.03 -0.32
C GLU A 33 10.86 20.53 -1.34
N GLU A 34 10.84 19.90 -2.53
CA GLU A 34 9.80 20.25 -3.49
C GLU A 34 8.42 19.84 -3.01
N LEU A 35 8.31 18.71 -2.27
CA LEU A 35 7.01 18.35 -1.72
C LEU A 35 6.52 19.41 -0.74
N VAL A 36 7.42 19.96 0.09
CA VAL A 36 7.00 21.05 0.98
C VAL A 36 6.47 22.20 0.16
N ASN A 37 7.20 22.62 -0.89
CA ASN A 37 6.72 23.75 -1.69
C ASN A 37 5.34 23.47 -2.29
N ALA A 38 5.17 22.25 -2.80
CA ALA A 38 3.89 21.83 -3.37
C ALA A 38 2.77 21.89 -2.33
N VAL A 39 3.01 21.32 -1.15
CA VAL A 39 1.96 21.29 -0.13
C VAL A 39 1.63 22.70 0.31
N ARG A 40 2.64 23.56 0.42
CA ARG A 40 2.46 24.94 0.80
C ARG A 40 1.59 25.70 -0.20
N LYS A 41 1.48 25.20 -1.45
CA LYS A 41 0.49 25.78 -2.35
C LYS A 41 -0.94 25.67 -1.81
N VAL A 42 -1.21 24.70 -0.95
CA VAL A 42 -2.53 24.52 -0.33
C VAL A 42 -2.52 24.96 1.13
N TYR A 43 -1.50 24.53 1.88
CA TYR A 43 -1.37 24.80 3.32
C TYR A 43 -0.07 25.55 3.53
N PRO A 44 -0.09 26.88 3.43
CA PRO A 44 1.17 27.64 3.41
C PRO A 44 1.97 27.60 4.71
N TRP A 45 1.38 27.11 5.80
CA TRP A 45 2.06 27.05 7.09
C TRP A 45 2.87 25.77 7.27
N VAL A 46 2.79 24.83 6.32
CA VAL A 46 3.50 23.56 6.41
C VAL A 46 5.00 23.79 6.28
N THR A 47 5.78 23.08 7.08
CA THR A 47 7.24 23.13 7.05
C THR A 47 7.77 21.74 6.69
N GLU A 48 9.05 21.68 6.29
CA GLU A 48 9.68 20.37 6.11
C GLU A 48 9.66 19.57 7.40
N GLU A 49 9.94 20.23 8.54
CA GLU A 49 9.88 19.56 9.84
C GLU A 49 8.51 18.95 10.10
N TYR A 50 7.44 19.64 9.69
CA TYR A 50 6.09 19.11 9.87
C TYR A 50 5.87 17.84 9.04
N ILE A 51 6.29 17.83 7.79
CA ILE A 51 6.12 16.64 6.94
C ILE A 51 6.93 15.46 7.49
N ARG A 52 8.17 15.74 7.95
CA ARG A 52 8.95 14.68 8.58
C ARG A 52 8.26 14.14 9.83
N GLU A 53 7.66 15.04 10.63
CA GLU A 53 6.88 14.57 11.78
C GLU A 53 5.67 13.72 11.35
N ILE A 54 4.97 14.11 10.30
CA ILE A 54 3.83 13.32 9.82
C ILE A 54 4.29 11.91 9.46
N VAL A 55 5.39 11.81 8.70
CA VAL A 55 5.95 10.52 8.34
C VAL A 55 6.28 9.72 9.58
N GLU A 56 6.92 10.36 10.56
CA GLU A 56 7.40 9.63 11.74
C GLU A 56 6.25 9.08 12.58
N ARG A 57 5.17 9.83 12.75
CA ARG A 57 4.12 9.34 13.63
C ARG A 57 2.90 8.76 12.87
N ASP A 58 2.97 8.63 11.54
CA ASP A 58 1.90 7.95 10.79
C ASP A 58 1.69 6.54 11.31
N GLU A 59 0.48 6.28 11.80
CA GLU A 59 0.15 5.02 12.45
C GLU A 59 0.17 3.81 11.52
N LYS A 60 0.08 4.00 10.21
CA LYS A 60 0.12 2.88 9.28
C LYS A 60 1.47 2.71 8.60
N GLY A 61 2.40 3.64 8.80
CA GLY A 61 3.66 3.60 8.07
C GLY A 61 3.46 3.87 6.59
N ARG A 62 2.56 4.79 6.24
CA ARG A 62 2.25 5.07 4.83
C ARG A 62 3.45 5.61 4.05
N TYR A 63 4.40 6.26 4.72
CA TYR A 63 5.41 7.07 4.04
C TYR A 63 6.81 6.60 4.42
N GLU A 64 7.77 6.91 3.55
CA GLU A 64 9.17 6.56 3.76
C GLU A 64 10.04 7.72 3.32
N ILE A 65 10.99 8.09 4.19
CA ILE A 65 11.98 9.13 3.89
C ILE A 65 13.36 8.50 3.86
N ARG A 66 14.13 8.80 2.80
CA ARG A 66 15.55 8.48 2.77
C ARG A 66 16.33 9.69 2.28
N GLY A 67 17.23 10.18 3.11
CA GLY A 67 17.86 11.47 2.89
C GLY A 67 16.87 12.56 2.54
N ASN A 68 17.01 13.08 1.33
CA ASN A 68 16.15 14.16 0.84
C ASN A 68 14.94 13.67 0.06
N LYS A 69 14.73 12.36 -0.04
CA LYS A 69 13.64 11.79 -0.85
C LYS A 69 12.52 11.30 0.03
N ILE A 70 11.28 11.42 -0.45
CA ILE A 70 10.12 10.92 0.27
C ILE A 70 9.20 10.22 -0.72
N ARG A 71 8.57 9.15 -0.25
CA ARG A 71 7.58 8.45 -1.07
C ARG A 71 6.45 7.93 -0.20
N ALA A 72 5.30 7.69 -0.84
CA ALA A 72 4.34 6.73 -0.32
C ALA A 72 4.91 5.32 -0.49
N ARG A 73 4.75 4.48 0.54
CA ARG A 73 5.30 3.14 0.46
C ARG A 73 4.42 2.18 -0.38
N TYR A 74 3.18 2.54 -0.67
CA TYR A 74 2.28 1.63 -1.39
C TYR A 74 1.08 2.45 -1.86
N GLY A 75 0.22 1.81 -2.65
CA GLY A 75 -1.02 2.44 -3.09
C GLY A 75 -0.93 3.34 -4.30
N HIS A 76 0.19 3.33 -5.03
CA HIS A 76 0.34 4.21 -6.17
C HIS A 76 -0.60 3.81 -7.31
N SER A 77 -1.11 4.80 -8.04
CA SER A 77 -1.87 4.55 -9.26
C SER A 77 -1.04 4.70 -10.52
N TYR A 78 0.28 4.80 -10.39
CA TYR A 78 1.23 4.88 -11.48
C TYR A 78 2.38 3.92 -11.27
N PRO A 79 3.14 3.59 -12.31
CA PRO A 79 4.16 2.53 -12.18
C PRO A 79 5.29 2.90 -11.22
N VAL A 80 5.53 2.01 -10.26
CA VAL A 80 6.63 2.11 -9.31
C VAL A 80 7.20 0.72 -9.09
N ILE A 81 8.50 0.65 -8.78
CA ILE A 81 9.11 -0.59 -8.32
C ILE A 81 9.45 -0.39 -6.85
N LEU A 82 8.93 -1.29 -6.02
CA LEU A 82 9.01 -1.13 -4.56
C LEU A 82 9.88 -2.26 -4.04
N ARG A 83 11.10 -1.93 -3.67
CA ARG A 83 12.07 -2.92 -3.19
C ARG A 83 12.06 -3.00 -1.68
N HIS A 84 10.88 -3.13 -1.09
CA HIS A 84 10.77 -3.19 0.36
C HIS A 84 11.40 -4.46 0.88
N GLU A 85 11.86 -4.42 2.13
CA GLU A 85 12.44 -5.62 2.72
C GLU A 85 11.40 -6.73 2.79
N GLU A 86 11.88 -7.96 2.71
CA GLU A 86 11.00 -9.12 2.62
C GLU A 86 10.41 -9.47 3.97
N ASP A 87 9.11 -9.75 3.98
CA ASP A 87 8.47 -10.40 5.12
C ASP A 87 8.74 -11.89 4.99
N LYS A 88 9.68 -12.38 5.79
CA LYS A 88 9.99 -13.80 5.84
C LYS A 88 9.27 -14.51 6.97
N GLU A 89 8.58 -13.78 7.85
CA GLU A 89 8.10 -14.33 9.12
C GLU A 89 6.61 -14.63 9.15
N SER A 90 5.78 -13.84 8.46
CA SER A 90 4.34 -14.07 8.53
C SER A 90 3.99 -15.42 7.91
N LYS A 91 3.14 -16.18 8.61
CA LYS A 91 2.69 -17.47 8.10
C LYS A 91 1.29 -17.43 7.52
N VAL A 92 0.46 -16.46 7.93
CA VAL A 92 -0.89 -16.31 7.41
C VAL A 92 -1.14 -14.82 7.21
N LEU A 93 -1.69 -14.44 6.05
CA LEU A 93 -2.03 -13.07 5.74
C LEU A 93 -3.50 -13.00 5.33
N TYR A 94 -4.01 -11.79 5.10
CA TYR A 94 -5.43 -11.62 4.86
C TYR A 94 -5.66 -10.69 3.68
N HIS A 95 -6.68 -11.01 2.88
CA HIS A 95 -7.04 -10.16 1.75
C HIS A 95 -8.51 -9.79 1.81
N GLY A 96 -8.81 -8.51 1.96
CA GLY A 96 -10.19 -8.06 1.97
C GLY A 96 -10.69 -7.84 0.55
N THR A 97 -11.87 -8.38 0.25
CA THR A 97 -12.50 -8.16 -1.05
C THR A 97 -14.03 -8.24 -0.87
N VAL A 98 -14.75 -8.20 -1.98
CA VAL A 98 -16.21 -8.23 -1.96
C VAL A 98 -16.67 -9.57 -2.51
N ARG A 99 -17.90 -9.97 -2.13
CA ARG A 99 -18.37 -11.33 -2.42
C ARG A 99 -18.39 -11.62 -3.91
N ARG A 100 -18.80 -10.65 -4.73
CA ARG A 100 -18.92 -10.89 -6.15
C ARG A 100 -17.58 -11.16 -6.81
N ASN A 101 -16.45 -10.95 -6.12
CA ASN A 101 -15.15 -11.24 -6.70
C ASN A 101 -14.76 -12.71 -6.54
N LEU A 102 -15.44 -13.44 -5.64
CA LEU A 102 -15.02 -14.80 -5.31
C LEU A 102 -14.98 -15.68 -6.56
N LYS A 103 -16.02 -15.63 -7.39
CA LYS A 103 -16.02 -16.45 -8.60
C LYS A 103 -14.72 -16.25 -9.37
N GLY A 104 -14.40 -14.99 -9.68
CA GLY A 104 -13.18 -14.72 -10.42
C GLY A 104 -11.95 -15.21 -9.69
N ILE A 105 -11.88 -14.92 -8.39
CA ILE A 105 -10.70 -15.32 -7.63
C ILE A 105 -10.57 -16.84 -7.64
N MET A 106 -11.70 -17.55 -7.50
CA MET A 106 -11.63 -19.01 -7.46
C MET A 106 -11.20 -19.58 -8.80
N ARG A 107 -11.37 -18.80 -9.88
CA ARG A 107 -10.88 -19.21 -11.18
C ARG A 107 -9.38 -18.99 -11.31
N GLU A 108 -8.90 -17.81 -10.92
CA GLU A 108 -7.56 -17.42 -11.35
C GLU A 108 -6.67 -16.91 -10.23
N GLY A 109 -7.07 -17.09 -8.97
CA GLY A 109 -6.34 -16.51 -7.85
C GLY A 109 -6.57 -15.01 -7.80
N ILE A 110 -5.89 -14.36 -6.86
CA ILE A 110 -5.96 -12.92 -6.72
C ILE A 110 -4.93 -12.28 -7.65
N LYS A 111 -5.40 -11.49 -8.58
CA LYS A 111 -4.50 -10.80 -9.49
C LYS A 111 -4.46 -9.31 -9.15
N PRO A 112 -3.35 -8.62 -9.42
CA PRO A 112 -3.31 -7.18 -9.19
C PRO A 112 -4.19 -6.42 -10.17
N MET A 113 -4.60 -5.22 -9.73
CA MET A 113 -5.46 -4.33 -10.51
C MET A 113 -4.61 -3.44 -11.42
N LYS A 114 -3.94 -4.08 -12.38
CA LYS A 114 -2.83 -3.46 -13.12
C LYS A 114 -1.71 -2.96 -12.23
N ARG A 115 -1.98 -2.82 -10.92
CA ARG A 115 -1.02 -2.22 -10.00
C ARG A 115 0.30 -2.98 -9.95
N GLN A 116 0.28 -4.26 -10.31
CA GLN A 116 1.37 -5.23 -10.29
C GLN A 116 1.58 -5.79 -8.89
N TYR A 117 0.87 -5.29 -7.88
CA TYR A 117 0.95 -5.86 -6.54
C TYR A 117 -0.45 -6.13 -6.02
N VAL A 118 -0.60 -7.24 -5.33
CA VAL A 118 -1.78 -7.55 -4.54
C VAL A 118 -1.49 -7.10 -3.11
N HIS A 119 -2.49 -6.46 -2.50
CA HIS A 119 -2.38 -5.92 -1.14
C HIS A 119 -2.93 -6.95 -0.17
N LEU A 120 -2.14 -7.29 0.84
CA LEU A 120 -2.50 -8.21 1.90
C LEU A 120 -2.29 -7.49 3.23
N SER A 121 -2.92 -8.01 4.28
CA SER A 121 -2.78 -7.43 5.61
C SER A 121 -2.34 -8.51 6.58
N ILE A 122 -1.64 -8.11 7.64
CA ILE A 122 -1.33 -9.09 8.69
C ILE A 122 -2.48 -9.29 9.67
N ASN A 123 -3.50 -8.44 9.60
CA ASN A 123 -4.61 -8.45 10.53
C ASN A 123 -5.92 -8.59 9.78
N TYR A 124 -6.82 -9.44 10.30
CA TYR A 124 -8.15 -9.56 9.74
C TYR A 124 -8.88 -8.21 9.74
N GLU A 125 -8.74 -7.44 10.81
CA GLU A 125 -9.50 -6.19 10.93
C GLU A 125 -9.13 -5.21 9.83
N ASP A 126 -7.83 -5.05 9.57
CA ASP A 126 -7.42 -4.12 8.52
C ASP A 126 -7.76 -4.66 7.12
N ALA A 127 -7.62 -5.96 6.90
CA ALA A 127 -8.07 -6.51 5.62
C ALA A 127 -9.55 -6.20 5.41
N TYR A 128 -10.35 -6.35 6.46
CA TYR A 128 -11.78 -6.06 6.36
C TYR A 128 -12.02 -4.59 6.00
N ASN A 129 -11.41 -3.68 6.76
CA ASN A 129 -11.62 -2.26 6.45
C ASN A 129 -11.17 -1.94 5.03
N THR A 130 -10.09 -2.57 4.57
CA THR A 130 -9.61 -2.34 3.22
C THR A 130 -10.63 -2.82 2.19
N GLY A 131 -11.20 -4.01 2.42
CA GLY A 131 -12.20 -4.52 1.51
C GLY A 131 -13.43 -3.66 1.45
N MET A 132 -13.76 -3.01 2.57
CA MET A 132 -14.95 -2.16 2.60
C MET A 132 -14.85 -1.01 1.60
N ARG A 133 -13.65 -0.73 1.06
CA ARG A 133 -13.48 0.28 0.03
C ARG A 133 -14.23 -0.08 -1.24
N HIS A 134 -14.48 -1.36 -1.49
CA HIS A 134 -15.07 -1.81 -2.74
C HIS A 134 -16.52 -2.25 -2.61
N GLY A 135 -17.13 -2.01 -1.46
CA GLY A 135 -18.53 -2.35 -1.27
C GLY A 135 -18.80 -2.76 0.15
N GLU A 136 -20.07 -3.01 0.44
CA GLU A 136 -20.50 -3.38 1.77
C GLU A 136 -20.31 -4.87 2.04
N ASP A 137 -20.59 -5.72 1.06
CA ASP A 137 -20.60 -7.17 1.25
C ASP A 137 -19.17 -7.72 1.20
N VAL A 138 -18.44 -7.50 2.28
CA VAL A 138 -17.02 -7.78 2.34
C VAL A 138 -16.79 -9.20 2.84
N VAL A 139 -15.88 -9.90 2.20
CA VAL A 139 -15.32 -11.15 2.70
C VAL A 139 -13.81 -10.98 2.84
N VAL A 140 -13.22 -11.69 3.78
CA VAL A 140 -11.77 -11.66 4.01
C VAL A 140 -11.21 -13.04 3.72
N LEU A 141 -10.29 -13.10 2.77
CA LEU A 141 -9.63 -14.34 2.38
C LEU A 141 -8.43 -14.59 3.28
N ILE A 142 -8.33 -15.82 3.79
CA ILE A 142 -7.17 -16.22 4.57
C ILE A 142 -6.14 -16.79 3.59
N ILE A 143 -4.91 -16.28 3.67
CA ILE A 143 -3.86 -16.57 2.71
C ILE A 143 -2.72 -17.27 3.46
N ASP A 144 -2.33 -18.43 2.95
CA ASP A 144 -1.18 -19.17 3.47
C ASP A 144 0.08 -18.53 2.92
N ALA A 145 0.87 -17.87 3.79
CA ALA A 145 2.04 -17.16 3.28
C ALA A 145 3.18 -18.11 2.94
N GLU A 146 3.31 -19.20 3.69
CA GLU A 146 4.32 -20.19 3.34
C GLU A 146 4.03 -20.78 1.97
N CYS A 147 2.75 -20.99 1.65
CA CYS A 147 2.37 -21.46 0.32
C CYS A 147 2.85 -20.51 -0.75
N LEU A 148 2.67 -19.21 -0.53
CA LEU A 148 3.14 -18.20 -1.46
C LEU A 148 4.65 -18.28 -1.65
N ARG A 149 5.39 -18.32 -0.53
CA ARG A 149 6.85 -18.37 -0.61
C ARG A 149 7.32 -19.62 -1.33
N ASN A 150 6.69 -20.76 -1.05
CA ASN A 150 7.12 -22.01 -1.68
C ASN A 150 6.95 -21.93 -3.18
N LYS A 151 5.89 -21.25 -3.64
CA LYS A 151 5.65 -21.13 -5.08
C LYS A 151 6.60 -20.14 -5.73
N GLY A 152 7.41 -19.40 -4.96
CA GLY A 152 8.37 -18.48 -5.51
C GLY A 152 8.03 -17.01 -5.36
N TYR A 153 6.92 -16.67 -4.71
CA TYR A 153 6.52 -15.27 -4.57
C TYR A 153 7.15 -14.67 -3.32
N LYS A 154 7.69 -13.46 -3.46
CA LYS A 154 8.25 -12.75 -2.32
C LYS A 154 7.20 -11.80 -1.76
N ILE A 155 6.96 -11.90 -0.45
CA ILE A 155 6.05 -11.01 0.28
C ILE A 155 6.88 -9.90 0.92
N LEU A 156 6.54 -8.65 0.65
CA LEU A 156 7.33 -7.50 1.06
C LEU A 156 6.58 -6.67 2.10
N LYS A 157 7.32 -6.09 3.03
CA LYS A 157 6.73 -5.29 4.10
C LYS A 157 6.50 -3.88 3.58
N ALA A 158 5.33 -3.65 2.99
CA ALA A 158 5.04 -2.33 2.41
C ALA A 158 4.73 -1.30 3.49
N GLY A 159 4.01 -1.71 4.54
CA GLY A 159 3.77 -0.80 5.65
C GLY A 159 3.81 -1.56 6.96
N LYS A 160 3.42 -0.91 8.05
CA LYS A 160 3.43 -1.56 9.35
C LYS A 160 2.53 -2.79 9.32
N LYS A 161 1.43 -2.71 8.60
CA LYS A 161 0.44 -3.77 8.59
C LYS A 161 0.13 -4.24 7.18
N VAL A 162 0.60 -3.52 6.15
CA VAL A 162 0.35 -3.88 4.76
C VAL A 162 1.51 -4.74 4.25
N ARG A 163 1.18 -5.73 3.44
CA ARG A 163 2.16 -6.62 2.81
C ARG A 163 1.80 -6.71 1.34
N ILE A 164 2.78 -6.74 0.46
CA ILE A 164 2.45 -6.79 -0.96
C ILE A 164 3.07 -8.04 -1.56
N VAL A 165 2.41 -8.57 -2.59
CA VAL A 165 2.92 -9.76 -3.28
C VAL A 165 2.42 -9.69 -4.72
N LYS A 166 3.15 -10.34 -5.64
CA LYS A 166 2.81 -10.19 -7.05
C LYS A 166 1.46 -10.80 -7.39
N HIS A 167 1.07 -11.89 -6.72
CA HIS A 167 -0.08 -12.66 -7.14
C HIS A 167 -0.34 -13.70 -6.05
N VAL A 168 -1.59 -14.10 -5.90
CA VAL A 168 -1.98 -15.15 -4.96
C VAL A 168 -2.70 -16.25 -5.73
N PRO A 169 -2.02 -17.36 -6.02
CA PRO A 169 -2.71 -18.51 -6.64
C PRO A 169 -3.82 -19.07 -5.75
N VAL A 170 -4.85 -19.64 -6.39
CA VAL A 170 -5.98 -20.20 -5.65
C VAL A 170 -5.50 -21.16 -4.56
N ASP A 171 -4.48 -21.97 -4.88
CA ASP A 171 -3.95 -22.98 -3.97
C ASP A 171 -3.58 -22.41 -2.59
N CYS A 172 -3.22 -21.14 -2.52
CA CYS A 172 -2.74 -20.55 -1.28
C CYS A 172 -3.84 -19.85 -0.48
N ILE A 173 -5.09 -19.94 -0.91
CA ILE A 173 -6.21 -19.38 -0.19
C ILE A 173 -6.79 -20.49 0.68
N SER A 174 -6.69 -20.32 2.00
CA SER A 174 -7.03 -21.38 2.94
CA SER A 174 -7.02 -21.38 2.94
C SER A 174 -8.39 -21.21 3.58
N GLY A 175 -8.99 -20.03 3.49
CA GLY A 175 -10.30 -19.87 4.12
C GLY A 175 -10.96 -18.60 3.64
N ILE A 176 -12.24 -18.48 3.98
CA ILE A 176 -13.01 -17.27 3.73
C ILE A 176 -13.65 -16.85 5.05
N LEU A 177 -13.55 -15.56 5.36
CA LEU A 177 -13.64 -14.99 6.71
C LEU A 177 -12.77 -15.70 7.73
#